data_2PVN
#
_entry.id   2PVN
#
_cell.length_a   142.394
_cell.length_b   59.415
_cell.length_c   45.819
_cell.angle_alpha   90.000
_cell.angle_beta   103.004
_cell.angle_gamma   90.000
#
_symmetry.space_group_name_H-M   'C 1 2 1'
#
loop_
_entity.id
_entity.type
_entity.pdbx_description
1 polymer 'Casein kinase II subunit alpha'
2 non-polymer N-(3-(8-CYANO-4-(PHENYLAMINO)PYRAZOLO[1,5-A][1,3,5]TRIAZIN-2-YLAMINO)PHENYL)ACETAMIDE
3 water water
#
_entity_poly.entity_id   1
_entity_poly.type   'polypeptide(L)'
_entity_poly.pdbx_seq_one_letter_code
;MGSSHHHHHHSSGLVPRGSHMSKARVYADVNVLRPKEYWDYEALTVQWGEQDDYEVVRKVGRGKYSEVFEGINVNNNEKC
IIKILKPVKKKKIKREIKILQNL(CSO)GGPNIVKLLDIVRDQHSKTPSLIFEYVNNTDFKVLYPTLTDYDIRYYIYELL
KALDYCHSQGIMHRDVKPHNVMIDHELRKLRLIDWGLAEFYHPGKEYNVRVASRYFKGPELLVDLQDYDYSLDMWSLGCM
FAGMIFRKEPFFYGHDNHDQLVKIAKVLGTDGLNAYLNKYRIELDPQLEALVGRHSRKPWLKFMNADNQHLVSPEAIDFL
DKLLRYDHQERLTALEAMTHPYFQQVRAAENSRTRA
;
_entity_poly.pdbx_strand_id   A
#
loop_
_chem_comp.id
_chem_comp.type
_chem_comp.name
_chem_comp.formula
P63 non-polymer N-(3-(8-CYANO-4-(PHENYLAMINO)PYRAZOLO[1,5-A][1,3,5]TRIAZIN-2-YLAMINO)PHENYL)ACETAMIDE 'C20 H16 N8 O'
#
# COMPACT_ATOMS: atom_id res chain seq x y z
N MET A 21 6.78 24.19 1.04
CA MET A 21 7.37 23.00 0.33
C MET A 21 7.51 21.87 1.33
N SER A 22 7.12 20.66 0.92
CA SER A 22 7.22 19.49 1.80
C SER A 22 8.08 18.37 1.24
N LYS A 23 8.68 17.60 2.13
CA LYS A 23 9.51 16.48 1.73
C LYS A 23 9.46 15.34 2.76
N ALA A 24 10.38 14.39 2.64
CA ALA A 24 10.42 13.24 3.53
C ALA A 24 11.35 13.45 4.71
N ARG A 25 10.92 12.97 5.87
CA ARG A 25 11.71 13.07 7.09
C ARG A 25 12.79 11.98 7.17
N VAL A 26 12.62 10.89 6.42
CA VAL A 26 13.61 9.80 6.37
C VAL A 26 13.73 9.27 4.93
N TYR A 27 14.84 8.57 4.66
CA TYR A 27 15.11 7.98 3.35
C TYR A 27 14.94 8.94 2.18
N ALA A 28 15.05 10.24 2.47
CA ALA A 28 14.86 11.27 1.47
C ALA A 28 15.93 11.33 0.37
N ASP A 29 17.15 10.90 0.67
CA ASP A 29 18.21 10.96 -0.33
C ASP A 29 18.67 9.60 -0.86
N VAL A 30 17.80 8.60 -0.84
CA VAL A 30 18.20 7.27 -1.31
C VAL A 30 18.52 7.29 -2.80
N ASN A 31 17.56 7.73 -3.60
CA ASN A 31 17.74 7.79 -5.03
C ASN A 31 18.83 8.78 -5.46
N VAL A 32 19.34 9.56 -4.51
CA VAL A 32 20.39 10.53 -4.81
C VAL A 32 21.73 9.83 -4.98
N LEU A 33 22.37 9.49 -3.87
CA LEU A 33 23.67 8.83 -3.89
C LEU A 33 23.68 7.56 -4.72
N ARG A 34 22.49 7.13 -5.15
CA ARG A 34 22.39 5.94 -5.96
C ARG A 34 22.53 6.28 -7.44
N PRO A 35 23.29 5.45 -8.18
CA PRO A 35 23.49 5.69 -9.61
C PRO A 35 22.14 5.89 -10.28
N LYS A 36 22.15 6.61 -11.41
CA LYS A 36 20.91 6.90 -12.13
C LYS A 36 20.21 5.64 -12.61
N GLU A 37 20.99 4.61 -12.93
CA GLU A 37 20.44 3.35 -13.41
C GLU A 37 19.45 2.72 -12.43
N TYR A 38 19.60 3.00 -11.14
CA TYR A 38 18.70 2.43 -10.15
C TYR A 38 17.28 2.95 -10.29
N TRP A 39 17.15 4.27 -10.50
CA TRP A 39 15.84 4.88 -10.62
C TRP A 39 15.43 5.35 -12.01
N ASP A 40 16.39 5.41 -12.92
CA ASP A 40 16.11 5.83 -14.29
C ASP A 40 15.47 4.64 -15.01
N TYR A 41 14.31 4.23 -14.51
CA TYR A 41 13.59 3.10 -15.07
C TYR A 41 13.31 3.14 -16.58
N GLU A 42 13.39 4.31 -17.20
CA GLU A 42 13.15 4.41 -18.63
C GLU A 42 14.31 3.92 -19.49
N ALA A 43 15.48 3.75 -18.87
CA ALA A 43 16.68 3.28 -19.56
C ALA A 43 16.79 1.76 -19.42
N LEU A 44 15.75 1.16 -18.85
CA LEU A 44 15.69 -0.28 -18.66
C LEU A 44 15.52 -0.97 -20.01
N THR A 45 16.09 -2.17 -20.10
CA THR A 45 15.99 -2.96 -21.31
C THR A 45 15.44 -4.32 -20.89
N VAL A 46 14.16 -4.53 -21.18
CA VAL A 46 13.50 -5.77 -20.81
C VAL A 46 14.06 -7.01 -21.49
N GLN A 47 14.47 -7.98 -20.67
CA GLN A 47 15.00 -9.23 -21.17
C GLN A 47 13.87 -10.25 -21.08
N TRP A 48 13.18 -10.47 -22.20
CA TRP A 48 12.05 -11.38 -22.25
C TRP A 48 12.34 -12.86 -22.18
N GLY A 49 11.54 -13.57 -21.39
CA GLY A 49 11.70 -15.01 -21.26
C GLY A 49 10.81 -15.69 -22.28
N GLU A 50 10.60 -16.99 -22.14
CA GLU A 50 9.75 -17.70 -23.08
C GLU A 50 8.34 -17.83 -22.50
N GLN A 51 7.38 -17.28 -23.23
CA GLN A 51 5.99 -17.30 -22.81
C GLN A 51 5.47 -18.70 -22.47
N ASP A 52 5.86 -19.69 -23.26
CA ASP A 52 5.41 -21.06 -23.05
C ASP A 52 5.74 -21.64 -21.68
N ASP A 53 6.91 -21.32 -21.14
CA ASP A 53 7.33 -21.83 -19.83
C ASP A 53 6.23 -21.75 -18.77
N TYR A 54 5.20 -20.96 -19.03
CA TYR A 54 4.12 -20.78 -18.08
C TYR A 54 2.75 -21.01 -18.70
N GLU A 55 1.94 -21.82 -18.04
CA GLU A 55 0.60 -22.10 -18.57
C GLU A 55 -0.46 -21.66 -17.58
N VAL A 56 -1.52 -21.07 -18.09
CA VAL A 56 -2.63 -20.60 -17.28
C VAL A 56 -3.43 -21.76 -16.73
N VAL A 57 -3.47 -21.89 -15.41
CA VAL A 57 -4.25 -22.93 -14.78
C VAL A 57 -5.69 -22.44 -14.55
N ARG A 58 -5.88 -21.39 -13.77
CA ARG A 58 -7.22 -20.82 -13.54
C ARG A 58 -7.13 -19.34 -13.14
N LYS A 59 -8.20 -18.59 -13.41
CA LYS A 59 -8.23 -17.17 -13.09
C LYS A 59 -8.41 -17.00 -11.59
N VAL A 60 -7.85 -15.93 -11.03
CA VAL A 60 -7.98 -15.69 -9.60
C VAL A 60 -8.24 -14.23 -9.27
N GLY A 61 -7.87 -13.34 -10.19
CA GLY A 61 -8.09 -11.94 -9.93
C GLY A 61 -8.05 -11.10 -11.18
N ARG A 62 -8.43 -9.85 -11.03
CA ARG A 62 -8.43 -8.92 -12.15
C ARG A 62 -8.43 -7.51 -11.59
N GLY A 63 -7.85 -6.59 -12.34
CA GLY A 63 -7.81 -5.19 -11.93
C GLY A 63 -8.18 -4.42 -13.16
N LYS A 64 -8.20 -3.09 -13.08
CA LYS A 64 -8.54 -2.36 -14.29
C LYS A 64 -7.35 -2.35 -15.24
N TYR A 65 -6.22 -2.87 -14.76
CA TYR A 65 -4.99 -2.90 -15.56
C TYR A 65 -4.53 -4.29 -15.99
N SER A 66 -5.23 -5.34 -15.56
CA SER A 66 -4.81 -6.68 -15.96
C SER A 66 -5.71 -7.78 -15.46
N GLU A 67 -5.37 -9.01 -15.85
CA GLU A 67 -6.08 -10.21 -15.42
C GLU A 67 -5.03 -11.08 -14.76
N VAL A 68 -5.43 -11.77 -13.71
CA VAL A 68 -4.50 -12.60 -12.98
C VAL A 68 -4.93 -14.05 -12.90
N PHE A 69 -4.00 -14.93 -13.23
CA PHE A 69 -4.27 -16.36 -13.20
C PHE A 69 -3.23 -17.11 -12.42
N GLU A 70 -3.63 -18.23 -11.85
CA GLU A 70 -2.70 -19.09 -11.16
C GLU A 70 -2.13 -19.79 -12.37
N GLY A 71 -0.83 -20.04 -12.39
CA GLY A 71 -0.26 -20.72 -13.52
C GLY A 71 0.66 -21.80 -13.06
N ILE A 72 1.34 -22.45 -14.00
CA ILE A 72 2.29 -23.48 -13.68
C ILE A 72 3.48 -23.33 -14.60
N ASN A 73 4.66 -23.36 -14.02
CA ASN A 73 5.92 -23.26 -14.75
C ASN A 73 6.13 -24.66 -15.32
N VAL A 74 5.87 -24.81 -16.63
CA VAL A 74 6.00 -26.10 -17.30
C VAL A 74 7.25 -26.92 -17.00
N ASN A 75 8.36 -26.25 -16.73
CA ASN A 75 9.58 -26.99 -16.42
C ASN A 75 9.49 -27.63 -15.03
N ASN A 76 9.52 -26.80 -14.00
CA ASN A 76 9.49 -27.27 -12.60
C ASN A 76 8.14 -27.69 -12.05
N ASN A 77 7.08 -27.54 -12.85
CA ASN A 77 5.74 -27.95 -12.41
C ASN A 77 5.25 -27.24 -11.15
N GLU A 78 5.91 -26.14 -10.80
CA GLU A 78 5.53 -25.37 -9.62
C GLU A 78 4.56 -24.26 -9.95
N LYS A 79 3.69 -23.95 -9.00
CA LYS A 79 2.69 -22.91 -9.18
C LYS A 79 3.35 -21.55 -9.35
N CYS A 80 2.66 -20.65 -10.03
CA CYS A 80 3.15 -19.29 -10.25
C CYS A 80 1.92 -18.42 -10.53
N ILE A 81 2.12 -17.11 -10.57
CA ILE A 81 1.03 -16.18 -10.83
C ILE A 81 1.33 -15.41 -12.09
N ILE A 82 0.41 -15.50 -13.04
CA ILE A 82 0.58 -14.82 -14.32
C ILE A 82 -0.32 -13.59 -14.36
N LYS A 83 0.33 -12.44 -14.49
CA LYS A 83 -0.36 -11.17 -14.57
C LYS A 83 -0.31 -10.67 -16.00
N ILE A 84 -1.41 -10.85 -16.73
CA ILE A 84 -1.48 -10.42 -18.12
C ILE A 84 -1.88 -8.94 -18.17
N LEU A 85 -0.94 -8.10 -18.60
CA LEU A 85 -1.17 -6.68 -18.68
C LEU A 85 -2.10 -6.31 -19.82
N LYS A 86 -2.84 -5.22 -19.63
CA LYS A 86 -3.75 -4.70 -20.63
C LYS A 86 -2.95 -3.57 -21.26
N PRO A 87 -3.35 -3.09 -22.45
CA PRO A 87 -2.62 -2.01 -23.12
C PRO A 87 -2.09 -0.96 -22.16
N VAL A 88 -0.82 -1.10 -21.81
CA VAL A 88 -0.17 -0.18 -20.90
C VAL A 88 0.92 0.56 -21.66
N LYS A 89 1.12 1.84 -21.35
CA LYS A 89 2.18 2.57 -22.00
C LYS A 89 3.45 1.85 -21.59
N LYS A 90 4.45 1.87 -22.47
CA LYS A 90 5.70 1.18 -22.20
C LYS A 90 6.48 1.78 -21.04
N LYS A 91 6.39 3.09 -20.85
CA LYS A 91 7.10 3.75 -19.76
C LYS A 91 6.58 3.20 -18.43
N LYS A 92 5.26 3.16 -18.31
CA LYS A 92 4.60 2.69 -17.11
C LYS A 92 5.05 1.27 -16.74
N ILE A 93 5.06 0.37 -17.72
CA ILE A 93 5.46 -1.02 -17.50
C ILE A 93 6.93 -1.21 -17.12
N LYS A 94 7.79 -0.27 -17.54
CA LYS A 94 9.20 -0.37 -17.20
C LYS A 94 9.37 0.08 -15.75
N ARG A 95 8.41 0.85 -15.27
CA ARG A 95 8.44 1.34 -13.90
C ARG A 95 8.11 0.19 -12.94
N GLU A 96 7.01 -0.50 -13.21
CA GLU A 96 6.59 -1.63 -12.37
C GLU A 96 7.66 -2.70 -12.37
N ILE A 97 8.35 -2.86 -13.50
CA ILE A 97 9.39 -3.87 -13.59
C ILE A 97 10.66 -3.47 -12.87
N LYS A 98 11.17 -2.28 -13.16
CA LYS A 98 12.39 -1.80 -12.54
C LYS A 98 12.29 -1.81 -11.01
N ILE A 99 11.16 -1.32 -10.50
CA ILE A 99 10.96 -1.30 -9.06
C ILE A 99 10.99 -2.74 -8.54
N LEU A 100 10.25 -3.63 -9.19
CA LEU A 100 10.23 -5.03 -8.78
C LEU A 100 11.66 -5.58 -8.72
N GLN A 101 12.45 -5.33 -9.76
CA GLN A 101 13.81 -5.85 -9.79
C GLN A 101 14.63 -5.27 -8.65
N ASN A 102 14.36 -4.02 -8.32
CA ASN A 102 15.07 -3.33 -7.26
C ASN A 102 14.76 -3.82 -5.86
N LEU A 103 13.59 -4.40 -5.66
CA LEU A 103 13.20 -4.86 -4.34
C LEU A 103 13.34 -6.39 -4.11
N CSO A 104 13.74 -7.14 -5.14
CA CSO A 104 13.92 -8.59 -5.06
CB CSO A 104 14.83 -9.08 -6.20
SG CSO A 104 15.17 -10.91 -6.28
C CSO A 104 14.53 -9.01 -3.70
O CSO A 104 15.44 -8.37 -3.19
OD CSO A 104 13.63 -11.44 -6.67
N GLY A 105 13.99 -10.08 -3.12
CA GLY A 105 14.51 -10.55 -1.85
C GLY A 105 14.27 -9.67 -0.64
N GLY A 106 13.50 -8.59 -0.81
CA GLY A 106 13.21 -7.71 0.31
C GLY A 106 12.21 -8.37 1.22
N PRO A 107 12.24 -8.09 2.53
CA PRO A 107 11.28 -8.73 3.43
C PRO A 107 9.86 -8.60 2.93
N ASN A 108 9.22 -9.76 2.74
CA ASN A 108 7.84 -9.85 2.28
C ASN A 108 7.45 -9.10 1.00
N ILE A 109 8.43 -8.88 0.13
CA ILE A 109 8.19 -8.22 -1.15
C ILE A 109 7.94 -9.33 -2.19
N VAL A 110 6.76 -9.34 -2.79
CA VAL A 110 6.43 -10.33 -3.79
C VAL A 110 7.56 -10.43 -4.80
N LYS A 111 7.98 -11.66 -5.10
CA LYS A 111 9.08 -11.90 -6.03
C LYS A 111 8.66 -11.98 -7.51
N LEU A 112 9.34 -11.22 -8.37
CA LEU A 112 9.05 -11.24 -9.80
C LEU A 112 9.88 -12.35 -10.42
N LEU A 113 9.21 -13.34 -10.99
CA LEU A 113 9.89 -14.49 -11.59
C LEU A 113 10.30 -14.35 -13.05
N ASP A 114 9.39 -13.88 -13.90
CA ASP A 114 9.72 -13.76 -15.32
C ASP A 114 8.88 -12.67 -16.03
N ILE A 115 9.39 -12.24 -17.17
CA ILE A 115 8.73 -11.24 -18.00
C ILE A 115 8.64 -11.82 -19.40
N VAL A 116 7.42 -12.03 -19.89
CA VAL A 116 7.21 -12.60 -21.21
C VAL A 116 6.20 -11.82 -22.04
N ARG A 117 6.11 -12.16 -23.32
CA ARG A 117 5.20 -11.46 -24.21
C ARG A 117 4.64 -12.40 -25.27
N ASP A 118 3.51 -12.01 -25.83
CA ASP A 118 2.89 -12.79 -26.90
C ASP A 118 3.48 -12.18 -28.16
N GLN A 119 4.16 -12.99 -28.97
CA GLN A 119 4.80 -12.50 -30.19
C GLN A 119 3.90 -11.70 -31.14
N HIS A 120 2.71 -12.21 -31.41
CA HIS A 120 1.77 -11.55 -32.31
C HIS A 120 1.28 -10.21 -31.78
N SER A 121 0.57 -10.23 -30.66
CA SER A 121 0.01 -9.00 -30.08
C SER A 121 1.00 -8.21 -29.23
N LYS A 122 2.07 -8.87 -28.80
CA LYS A 122 3.08 -8.23 -27.96
C LYS A 122 2.54 -8.02 -26.55
N THR A 123 1.47 -8.74 -26.22
CA THR A 123 0.87 -8.66 -24.91
C THR A 123 1.90 -9.16 -23.90
N PRO A 124 2.20 -8.35 -22.88
CA PRO A 124 3.18 -8.78 -21.89
C PRO A 124 2.54 -9.38 -20.66
N SER A 125 3.27 -10.28 -20.02
CA SER A 125 2.80 -10.91 -18.81
C SER A 125 3.96 -10.98 -17.82
N LEU A 126 3.70 -10.59 -16.58
CA LEU A 126 4.73 -10.63 -15.56
C LEU A 126 4.47 -11.88 -14.73
N ILE A 127 5.48 -12.71 -14.58
CA ILE A 127 5.33 -13.93 -13.79
C ILE A 127 5.79 -13.66 -12.36
N PHE A 128 4.90 -13.93 -11.40
CA PHE A 128 5.18 -13.71 -9.97
C PHE A 128 5.06 -15.00 -9.16
N GLU A 129 5.73 -15.02 -8.01
CA GLU A 129 5.65 -16.17 -7.12
C GLU A 129 4.17 -16.40 -6.82
N TYR A 130 3.81 -17.63 -6.47
CA TYR A 130 2.42 -17.95 -6.17
C TYR A 130 2.15 -17.97 -4.66
N VAL A 131 1.03 -17.39 -4.27
CA VAL A 131 0.64 -17.33 -2.87
C VAL A 131 -0.79 -17.82 -2.75
N ASN A 132 -1.01 -18.88 -1.99
CA ASN A 132 -2.37 -19.37 -1.84
C ASN A 132 -3.03 -18.43 -0.86
N ASN A 133 -3.44 -17.30 -1.40
CA ASN A 133 -4.08 -16.25 -0.61
C ASN A 133 -5.54 -16.50 -0.27
N THR A 134 -5.94 -16.11 0.94
CA THR A 134 -7.33 -16.24 1.35
C THR A 134 -7.92 -14.83 1.27
N ASP A 135 -8.96 -14.65 0.45
CA ASP A 135 -9.61 -13.35 0.28
C ASP A 135 -9.69 -12.65 1.62
N PHE A 136 -9.33 -11.36 1.66
CA PHE A 136 -9.38 -10.63 2.92
C PHE A 136 -10.79 -10.48 3.43
N LYS A 137 -11.72 -10.34 2.50
CA LYS A 137 -13.12 -10.17 2.88
C LYS A 137 -13.58 -11.32 3.76
N VAL A 138 -12.95 -12.49 3.57
CA VAL A 138 -13.29 -13.67 4.38
C VAL A 138 -12.26 -13.98 5.46
N LEU A 139 -10.99 -13.75 5.14
CA LEU A 139 -9.89 -14.00 6.07
C LEU A 139 -9.90 -13.09 7.29
N TYR A 140 -9.71 -11.79 7.04
CA TYR A 140 -9.67 -10.79 8.11
C TYR A 140 -10.64 -11.00 9.27
N PRO A 141 -11.91 -11.27 8.99
CA PRO A 141 -12.88 -11.47 10.06
C PRO A 141 -12.56 -12.56 11.07
N THR A 142 -11.78 -13.56 10.67
CA THR A 142 -11.43 -14.65 11.59
C THR A 142 -10.09 -14.45 12.31
N LEU A 143 -9.31 -13.48 11.85
CA LEU A 143 -8.01 -13.24 12.48
C LEU A 143 -8.13 -12.90 13.95
N THR A 144 -7.16 -13.37 14.73
CA THR A 144 -7.19 -13.08 16.15
C THR A 144 -6.41 -11.79 16.38
N ASP A 145 -6.54 -11.25 17.58
CA ASP A 145 -5.84 -10.03 17.96
C ASP A 145 -4.37 -10.19 17.60
N TYR A 146 -3.77 -11.30 18.00
CA TYR A 146 -2.37 -11.54 17.71
C TYR A 146 -2.07 -11.70 16.23
N ASP A 147 -2.97 -12.31 15.48
CA ASP A 147 -2.75 -12.50 14.04
C ASP A 147 -2.62 -11.13 13.37
N ILE A 148 -3.52 -10.24 13.75
CA ILE A 148 -3.57 -8.90 13.25
C ILE A 148 -2.20 -8.25 13.49
N ARG A 149 -1.77 -8.26 14.75
CA ARG A 149 -0.48 -7.67 15.12
C ARG A 149 0.64 -8.29 14.29
N TYR A 150 0.60 -9.61 14.18
CA TYR A 150 1.58 -10.36 13.42
C TYR A 150 1.64 -9.95 11.95
N TYR A 151 0.53 -10.05 11.25
CA TYR A 151 0.52 -9.70 9.83
C TYR A 151 0.77 -8.21 9.55
N ILE A 152 0.31 -7.32 10.43
CA ILE A 152 0.55 -5.91 10.19
C ILE A 152 2.05 -5.72 10.27
N TYR A 153 2.63 -6.36 11.29
CA TYR A 153 4.07 -6.30 11.51
C TYR A 153 4.82 -6.69 10.23
N GLU A 154 4.42 -7.82 9.63
CA GLU A 154 5.05 -8.32 8.42
C GLU A 154 4.87 -7.32 7.27
N LEU A 155 3.69 -6.73 7.19
CA LEU A 155 3.44 -5.74 6.14
C LEU A 155 4.38 -4.55 6.36
N LEU A 156 4.63 -4.21 7.62
CA LEU A 156 5.53 -3.10 7.98
C LEU A 156 6.97 -3.33 7.53
N LYS A 157 7.43 -4.59 7.56
CA LYS A 157 8.78 -4.91 7.11
C LYS A 157 8.89 -4.60 5.63
N ALA A 158 7.79 -4.82 4.91
CA ALA A 158 7.80 -4.59 3.47
C ALA A 158 7.85 -3.11 3.17
N LEU A 159 7.04 -2.34 3.89
CA LEU A 159 7.02 -0.91 3.67
C LEU A 159 8.36 -0.28 4.05
N ASP A 160 8.85 -0.55 5.26
CA ASP A 160 10.13 0.03 5.66
C ASP A 160 11.23 -0.34 4.69
N TYR A 161 11.16 -1.56 4.16
CA TYR A 161 12.18 -1.98 3.20
C TYR A 161 12.11 -1.23 1.88
N CYS A 162 10.92 -1.09 1.30
CA CYS A 162 10.84 -0.38 0.02
C CYS A 162 11.09 1.12 0.23
N HIS A 163 10.57 1.68 1.32
CA HIS A 163 10.82 3.09 1.61
C HIS A 163 12.33 3.28 1.68
N SER A 164 13.01 2.39 2.38
CA SER A 164 14.47 2.48 2.49
C SER A 164 15.16 2.30 1.14
N GLN A 165 14.40 1.86 0.12
CA GLN A 165 14.98 1.69 -1.21
C GLN A 165 14.59 2.85 -2.12
N GLY A 166 13.85 3.82 -1.59
CA GLY A 166 13.43 4.95 -2.38
C GLY A 166 12.15 4.74 -3.16
N ILE A 167 11.29 3.85 -2.68
CA ILE A 167 10.05 3.57 -3.37
C ILE A 167 8.77 3.69 -2.53
N MET A 168 7.78 4.37 -3.10
CA MET A 168 6.47 4.56 -2.50
C MET A 168 5.57 3.55 -3.21
N HIS A 169 4.91 2.66 -2.48
CA HIS A 169 4.03 1.68 -3.12
C HIS A 169 2.76 2.37 -3.65
N ARG A 170 2.39 3.45 -2.97
CA ARG A 170 1.23 4.27 -3.33
C ARG A 170 -0.08 3.54 -3.62
N ASP A 171 -0.23 2.33 -3.13
CA ASP A 171 -1.47 1.61 -3.37
C ASP A 171 -1.67 0.46 -2.39
N VAL A 172 -1.50 0.80 -1.12
CA VAL A 172 -1.64 -0.15 -0.04
C VAL A 172 -3.14 -0.35 0.23
N LYS A 173 -3.55 -1.62 0.27
CA LYS A 173 -4.92 -1.99 0.53
C LYS A 173 -4.95 -3.51 0.70
N PRO A 174 -5.99 -4.05 1.37
CA PRO A 174 -6.07 -5.49 1.57
C PRO A 174 -5.81 -6.27 0.27
N HIS A 175 -6.52 -5.89 -0.79
CA HIS A 175 -6.38 -6.54 -2.10
C HIS A 175 -4.93 -6.71 -2.54
N ASN A 176 -4.02 -5.91 -2.01
CA ASN A 176 -2.63 -6.03 -2.42
C ASN A 176 -1.74 -6.63 -1.36
N VAL A 177 -2.36 -7.31 -0.40
CA VAL A 177 -1.61 -7.97 0.64
C VAL A 177 -2.03 -9.43 0.60
N MET A 178 -1.19 -10.27 -0.02
CA MET A 178 -1.48 -11.69 -0.15
C MET A 178 -1.07 -12.47 1.11
N ILE A 179 -2.01 -13.19 1.69
CA ILE A 179 -1.72 -13.96 2.89
C ILE A 179 -2.08 -15.43 2.84
N ASP A 180 -1.07 -16.28 3.01
CA ASP A 180 -1.28 -17.71 3.06
C ASP A 180 -1.42 -17.92 4.56
N HIS A 181 -2.66 -17.89 5.04
CA HIS A 181 -2.87 -18.02 6.46
C HIS A 181 -2.29 -19.30 7.04
N GLU A 182 -2.32 -20.38 6.27
CA GLU A 182 -1.78 -21.66 6.70
C GLU A 182 -0.30 -21.54 7.08
N LEU A 183 0.48 -20.96 6.16
CA LEU A 183 1.90 -20.80 6.36
C LEU A 183 2.26 -19.48 7.06
N ARG A 184 1.24 -18.70 7.37
CA ARG A 184 1.45 -17.40 8.01
C ARG A 184 2.50 -16.60 7.22
N LYS A 185 2.44 -16.73 5.90
CA LYS A 185 3.34 -16.03 4.98
C LYS A 185 2.59 -14.88 4.32
N LEU A 186 3.26 -13.73 4.20
CA LEU A 186 2.65 -12.54 3.61
C LEU A 186 3.53 -11.90 2.57
N ARG A 187 2.91 -11.26 1.59
CA ARG A 187 3.66 -10.60 0.54
C ARG A 187 2.95 -9.33 0.10
N LEU A 188 3.68 -8.23 -0.06
CA LEU A 188 3.07 -7.01 -0.55
C LEU A 188 3.11 -7.12 -2.08
N ILE A 189 1.96 -7.10 -2.73
CA ILE A 189 1.98 -7.25 -4.20
C ILE A 189 1.46 -6.07 -5.00
N ASP A 190 1.61 -6.21 -6.32
CA ASP A 190 1.16 -5.25 -7.33
C ASP A 190 1.79 -3.87 -7.18
N TRP A 191 2.96 -3.71 -7.77
CA TRP A 191 3.69 -2.46 -7.69
C TRP A 191 3.53 -1.60 -8.93
N GLY A 192 2.34 -1.66 -9.52
CA GLY A 192 2.05 -0.90 -10.72
C GLY A 192 1.97 0.60 -10.48
N LEU A 193 1.33 0.99 -9.38
CA LEU A 193 1.20 2.39 -9.04
C LEU A 193 2.42 2.88 -8.27
N ALA A 194 3.28 1.96 -7.84
CA ALA A 194 4.48 2.35 -7.09
C ALA A 194 5.26 3.43 -7.85
N GLU A 195 6.10 4.17 -7.14
CA GLU A 195 6.93 5.21 -7.76
C GLU A 195 8.22 5.45 -6.98
N PHE A 196 9.22 6.01 -7.65
CA PHE A 196 10.49 6.32 -7.02
C PHE A 196 10.33 7.66 -6.33
N TYR A 197 10.89 7.80 -5.13
CA TYR A 197 10.77 9.06 -4.42
C TYR A 197 11.94 9.99 -4.69
N HIS A 198 11.62 11.20 -5.12
CA HIS A 198 12.65 12.21 -5.40
C HIS A 198 12.35 13.46 -4.59
N PRO A 199 13.33 13.93 -3.78
CA PRO A 199 13.20 15.13 -2.93
C PRO A 199 12.65 16.35 -3.65
N GLY A 200 11.38 16.66 -3.44
CA GLY A 200 10.79 17.85 -4.06
C GLY A 200 9.87 17.66 -5.25
N LYS A 201 9.79 16.45 -5.80
CA LYS A 201 8.95 16.21 -6.96
C LYS A 201 7.47 16.17 -6.63
N GLU A 202 6.64 16.59 -7.58
CA GLU A 202 5.19 16.55 -7.40
C GLU A 202 4.71 15.27 -8.06
N TYR A 203 3.61 14.71 -7.56
CA TYR A 203 3.11 13.47 -8.13
C TYR A 203 1.61 13.48 -8.37
N ASN A 204 1.18 12.72 -9.36
CA ASN A 204 -0.25 12.64 -9.66
C ASN A 204 -0.84 12.18 -8.34
N VAL A 205 -2.07 12.61 -8.05
CA VAL A 205 -2.71 12.25 -6.81
C VAL A 205 -3.88 11.30 -7.04
N ARG A 206 -4.00 10.81 -8.27
CA ARG A 206 -5.06 9.86 -8.61
C ARG A 206 -4.46 8.47 -8.48
N VAL A 207 -3.99 8.16 -7.27
CA VAL A 207 -3.37 6.88 -6.98
C VAL A 207 -4.05 6.27 -5.78
N ALA A 208 -3.65 5.04 -5.44
CA ALA A 208 -4.25 4.35 -4.31
C ALA A 208 -5.74 4.20 -4.61
N SER A 209 -6.46 3.52 -3.75
CA SER A 209 -7.89 3.33 -3.95
C SER A 209 -8.61 4.27 -3.00
N ARG A 210 -9.55 5.05 -3.55
CA ARG A 210 -10.31 6.03 -2.77
C ARG A 210 -10.32 5.81 -1.25
N TYR A 211 -10.69 4.61 -0.83
CA TYR A 211 -10.78 4.28 0.59
C TYR A 211 -9.45 4.31 1.35
N PHE A 212 -8.35 4.40 0.61
CA PHE A 212 -7.02 4.42 1.21
C PHE A 212 -6.19 5.62 0.81
N LYS A 213 -6.80 6.54 0.07
CA LYS A 213 -6.08 7.74 -0.36
C LYS A 213 -5.82 8.68 0.82
N GLY A 214 -4.57 9.07 0.99
CA GLY A 214 -4.25 9.98 2.08
C GLY A 214 -4.85 11.36 1.86
N PRO A 215 -5.13 12.10 2.94
CA PRO A 215 -5.70 13.46 2.82
C PRO A 215 -4.93 14.34 1.85
N GLU A 216 -3.61 14.17 1.82
CA GLU A 216 -2.83 14.95 0.91
C GLU A 216 -3.37 14.75 -0.51
N LEU A 217 -3.70 13.52 -0.86
CA LEU A 217 -4.20 13.25 -2.19
C LEU A 217 -5.57 13.87 -2.41
N LEU A 218 -6.36 13.96 -1.35
CA LEU A 218 -7.70 14.52 -1.45
C LEU A 218 -7.71 16.06 -1.43
N VAL A 219 -6.56 16.68 -1.18
CA VAL A 219 -6.50 18.13 -1.13
C VAL A 219 -5.48 18.65 -2.14
N ASP A 220 -5.10 17.78 -3.06
CA ASP A 220 -4.16 18.14 -4.11
C ASP A 220 -2.75 18.50 -3.68
N LEU A 221 -2.31 18.01 -2.52
CA LEU A 221 -0.94 18.27 -2.11
C LEU A 221 -0.12 17.27 -2.93
N GLN A 222 0.60 17.79 -3.92
CA GLN A 222 1.39 16.99 -4.84
C GLN A 222 2.73 16.45 -4.37
N ASP A 223 3.46 17.23 -3.56
CA ASP A 223 4.77 16.75 -3.13
C ASP A 223 4.76 15.89 -1.86
N TYR A 224 4.13 14.73 -1.97
CA TYR A 224 4.04 13.76 -0.87
C TYR A 224 5.21 12.78 -0.85
N ASP A 225 5.20 11.85 0.10
CA ASP A 225 6.28 10.87 0.21
C ASP A 225 5.86 9.53 0.81
N TYR A 226 6.82 8.73 1.24
CA TYR A 226 6.52 7.43 1.82
C TYR A 226 5.31 7.49 2.75
N SER A 227 5.19 8.60 3.48
CA SER A 227 4.09 8.84 4.43
C SER A 227 2.74 8.40 3.91
N LEU A 228 2.48 8.66 2.63
CA LEU A 228 1.21 8.29 2.02
C LEU A 228 0.81 6.85 2.34
N ASP A 229 1.80 5.95 2.28
CA ASP A 229 1.57 4.53 2.53
C ASP A 229 1.23 4.21 3.98
N MET A 230 1.67 5.05 4.90
CA MET A 230 1.39 4.84 6.30
C MET A 230 -0.05 5.23 6.61
N TRP A 231 -0.62 6.15 5.82
CA TRP A 231 -2.02 6.54 6.04
C TRP A 231 -2.87 5.36 5.57
N SER A 232 -2.53 4.86 4.39
CA SER A 232 -3.23 3.72 3.83
C SER A 232 -3.14 2.56 4.81
N LEU A 233 -1.93 2.27 5.27
CA LEU A 233 -1.76 1.18 6.22
C LEU A 233 -2.69 1.43 7.40
N GLY A 234 -2.72 2.68 7.87
CA GLY A 234 -3.59 3.04 8.98
C GLY A 234 -5.05 2.75 8.69
N CYS A 235 -5.50 3.07 7.48
CA CYS A 235 -6.88 2.80 7.11
C CYS A 235 -7.13 1.30 7.18
N MET A 236 -6.17 0.53 6.67
CA MET A 236 -6.24 -0.92 6.66
C MET A 236 -6.27 -1.45 8.10
N PHE A 237 -5.40 -0.89 8.94
CA PHE A 237 -5.33 -1.32 10.33
C PHE A 237 -6.60 -0.95 11.08
N ALA A 238 -7.20 0.16 10.70
CA ALA A 238 -8.43 0.62 11.34
C ALA A 238 -9.58 -0.30 11.02
N GLY A 239 -9.72 -0.65 9.74
CA GLY A 239 -10.80 -1.53 9.32
C GLY A 239 -10.70 -2.88 10.01
N MET A 240 -9.48 -3.33 10.20
CA MET A 240 -9.23 -4.62 10.83
C MET A 240 -9.62 -4.70 12.30
N ILE A 241 -9.10 -3.79 13.13
CA ILE A 241 -9.45 -3.85 14.54
C ILE A 241 -10.89 -3.40 14.81
N PHE A 242 -11.37 -2.43 14.03
CA PHE A 242 -12.73 -1.91 14.20
C PHE A 242 -13.74 -2.70 13.38
N ARG A 243 -13.25 -3.64 12.57
CA ARG A 243 -14.11 -4.48 11.74
C ARG A 243 -15.11 -3.61 11.00
N LYS A 244 -14.60 -2.80 10.09
CA LYS A 244 -15.43 -1.90 9.32
C LYS A 244 -14.65 -1.62 8.06
N GLU A 245 -14.83 -2.48 7.06
CA GLU A 245 -14.12 -2.30 5.80
C GLU A 245 -15.05 -1.85 4.68
N PRO A 246 -14.70 -0.76 3.99
CA PRO A 246 -13.49 0.00 4.30
C PRO A 246 -13.77 0.82 5.55
N PHE A 247 -12.75 1.47 6.09
CA PHE A 247 -12.99 2.26 7.29
C PHE A 247 -13.60 3.59 6.88
N PHE A 248 -12.93 4.29 5.97
CA PHE A 248 -13.42 5.58 5.47
C PHE A 248 -14.18 5.31 4.18
N TYR A 249 -15.43 4.89 4.31
CA TYR A 249 -16.30 4.55 3.18
C TYR A 249 -16.93 5.73 2.45
N GLY A 250 -16.22 6.28 1.47
CA GLY A 250 -16.72 7.40 0.70
C GLY A 250 -17.20 6.95 -0.68
N HIS A 251 -17.87 7.86 -1.39
CA HIS A 251 -18.38 7.55 -2.72
C HIS A 251 -17.51 8.12 -3.85
N ASP A 252 -16.72 9.14 -3.52
CA ASP A 252 -15.81 9.76 -4.49
C ASP A 252 -14.78 10.60 -3.74
N ASN A 253 -13.76 11.07 -4.46
CA ASN A 253 -12.69 11.87 -3.86
C ASN A 253 -13.16 12.96 -2.92
N HIS A 254 -14.23 13.66 -3.28
CA HIS A 254 -14.76 14.74 -2.45
C HIS A 254 -15.36 14.12 -1.19
N ASP A 255 -16.17 13.08 -1.38
CA ASP A 255 -16.83 12.41 -0.27
C ASP A 255 -15.79 11.71 0.59
N GLN A 256 -14.64 11.40 0.00
CA GLN A 256 -13.59 10.74 0.76
C GLN A 256 -13.02 11.67 1.81
N LEU A 257 -12.68 12.89 1.38
CA LEU A 257 -12.13 13.88 2.30
C LEU A 257 -13.13 14.23 3.39
N VAL A 258 -14.41 14.27 3.03
CA VAL A 258 -15.47 14.59 3.98
C VAL A 258 -15.61 13.50 5.05
N LYS A 259 -15.69 12.25 4.60
CA LYS A 259 -15.83 11.13 5.51
C LYS A 259 -14.67 11.08 6.52
N ILE A 260 -13.48 11.47 6.07
CA ILE A 260 -12.33 11.52 6.95
C ILE A 260 -12.57 12.63 7.99
N ALA A 261 -12.80 13.85 7.51
CA ALA A 261 -13.03 15.00 8.39
C ALA A 261 -14.06 14.75 9.47
N LYS A 262 -15.09 13.97 9.18
CA LYS A 262 -16.13 13.69 10.18
C LYS A 262 -15.58 12.77 11.27
N VAL A 263 -14.30 12.45 11.20
CA VAL A 263 -13.66 11.59 12.19
C VAL A 263 -12.51 12.29 12.88
N LEU A 264 -11.59 12.85 12.10
CA LEU A 264 -10.44 13.54 12.66
C LEU A 264 -10.77 15.01 12.98
N GLY A 265 -11.97 15.45 12.58
CA GLY A 265 -12.37 16.82 12.83
C GLY A 265 -11.78 17.78 11.80
N THR A 266 -12.45 18.91 11.59
CA THR A 266 -11.99 19.89 10.61
C THR A 266 -10.88 20.83 11.09
N ASP A 267 -10.70 20.94 12.40
CA ASP A 267 -9.65 21.83 12.91
C ASP A 267 -8.27 21.28 12.53
N GLY A 268 -8.07 19.98 12.72
CA GLY A 268 -6.79 19.38 12.34
C GLY A 268 -6.60 19.60 10.86
N LEU A 269 -7.69 19.49 10.11
CA LEU A 269 -7.65 19.71 8.67
C LEU A 269 -7.23 21.15 8.39
N ASN A 270 -8.01 22.10 8.90
CA ASN A 270 -7.71 23.51 8.70
C ASN A 270 -6.25 23.77 9.00
N ALA A 271 -5.78 23.23 10.12
CA ALA A 271 -4.38 23.40 10.50
C ALA A 271 -3.48 22.75 9.44
N TYR A 272 -3.91 21.60 8.94
CA TYR A 272 -3.15 20.90 7.92
C TYR A 272 -3.03 21.79 6.68
N LEU A 273 -4.18 22.20 6.17
CA LEU A 273 -4.24 23.07 5.01
C LEU A 273 -3.33 24.29 5.20
N ASN A 274 -3.65 25.08 6.21
CA ASN A 274 -2.88 26.29 6.49
C ASN A 274 -1.37 26.10 6.63
N LYS A 275 -0.94 24.92 7.07
CA LYS A 275 0.49 24.65 7.23
C LYS A 275 1.23 24.49 5.91
N TYR A 276 0.53 24.01 4.89
CA TYR A 276 1.15 23.80 3.59
C TYR A 276 0.73 24.83 2.56
N ARG A 277 -0.02 25.82 3.04
CA ARG A 277 -0.51 26.90 2.20
C ARG A 277 -1.33 26.35 1.06
N ILE A 278 -2.28 25.50 1.40
CA ILE A 278 -3.14 24.90 0.40
C ILE A 278 -4.52 25.50 0.61
N GLU A 279 -5.37 25.42 -0.40
CA GLU A 279 -6.71 25.98 -0.32
C GLU A 279 -7.71 25.05 -1.01
N LEU A 280 -8.69 24.58 -0.27
CA LEU A 280 -9.69 23.72 -0.87
C LEU A 280 -10.47 24.51 -1.91
N ASP A 281 -11.58 23.95 -2.38
CA ASP A 281 -12.40 24.61 -3.37
C ASP A 281 -13.82 24.77 -2.84
N PRO A 282 -14.54 25.80 -3.31
CA PRO A 282 -15.93 26.11 -2.93
C PRO A 282 -16.80 24.91 -2.57
N GLN A 283 -17.25 24.16 -3.56
CA GLN A 283 -18.11 23.01 -3.29
C GLN A 283 -17.46 22.06 -2.29
N LEU A 284 -16.16 21.81 -2.46
CA LEU A 284 -15.42 20.93 -1.57
C LEU A 284 -15.48 21.49 -0.15
N GLU A 285 -14.74 22.56 0.09
CA GLU A 285 -14.69 23.22 1.39
C GLU A 285 -16.09 23.37 1.97
N ALA A 286 -17.07 23.63 1.11
CA ALA A 286 -18.44 23.80 1.57
C ALA A 286 -19.04 22.43 1.89
N LEU A 287 -18.60 21.41 1.17
CA LEU A 287 -19.09 20.05 1.35
C LEU A 287 -18.63 19.50 2.71
N VAL A 288 -17.33 19.64 2.97
CA VAL A 288 -16.74 19.19 4.23
C VAL A 288 -17.52 19.72 5.43
N GLY A 289 -17.71 21.04 5.45
CA GLY A 289 -18.43 21.67 6.55
C GLY A 289 -17.55 21.84 7.77
N ARG A 290 -18.14 21.65 8.94
CA ARG A 290 -17.39 21.78 10.19
C ARG A 290 -17.74 20.61 11.09
N HIS A 291 -16.72 19.91 11.56
CA HIS A 291 -16.93 18.75 12.42
C HIS A 291 -15.94 18.63 13.57
N SER A 292 -16.45 18.22 14.72
CA SER A 292 -15.60 18.06 15.89
C SER A 292 -14.90 16.72 15.67
N ARG A 293 -13.79 16.51 16.37
CA ARG A 293 -13.07 15.26 16.24
C ARG A 293 -13.79 14.18 17.06
N LYS A 294 -13.95 13.01 16.45
CA LYS A 294 -14.60 11.88 17.11
C LYS A 294 -13.52 10.94 17.65
N PRO A 295 -13.49 10.72 18.98
CA PRO A 295 -12.48 9.84 19.58
C PRO A 295 -12.52 8.46 18.94
N TRP A 296 -11.37 7.80 18.90
CA TRP A 296 -11.28 6.47 18.30
C TRP A 296 -12.18 5.44 18.99
N LEU A 297 -12.36 5.58 20.29
CA LEU A 297 -13.19 4.64 21.03
C LEU A 297 -14.68 4.69 20.67
N LYS A 298 -15.10 5.77 20.02
CA LYS A 298 -16.49 5.88 19.63
C LYS A 298 -16.79 4.85 18.54
N PHE A 299 -15.76 4.15 18.09
CA PHE A 299 -15.90 3.13 17.05
C PHE A 299 -15.78 1.71 17.60
N MET A 300 -15.87 1.56 18.91
CA MET A 300 -15.77 0.26 19.54
C MET A 300 -17.16 -0.27 19.84
N ASN A 301 -17.43 -1.50 19.40
CA ASN A 301 -18.72 -2.13 19.65
C ASN A 301 -18.52 -3.51 20.27
N ALA A 302 -19.38 -4.45 19.92
CA ALA A 302 -19.26 -5.79 20.48
C ALA A 302 -18.70 -6.78 19.46
N ASP A 303 -18.47 -6.31 18.24
CA ASP A 303 -17.92 -7.17 17.19
C ASP A 303 -16.41 -6.96 17.13
N ASN A 304 -15.92 -5.95 17.85
CA ASN A 304 -14.49 -5.64 17.84
C ASN A 304 -13.87 -5.35 19.20
N GLN A 305 -14.70 -5.19 20.23
CA GLN A 305 -14.21 -4.89 21.58
C GLN A 305 -12.96 -5.67 22.04
N HIS A 306 -12.77 -6.88 21.52
CA HIS A 306 -11.63 -7.70 21.89
C HIS A 306 -10.38 -7.39 21.06
N LEU A 307 -10.45 -6.35 20.22
CA LEU A 307 -9.34 -5.97 19.37
C LEU A 307 -8.95 -4.52 19.51
N VAL A 308 -9.74 -3.74 20.26
CA VAL A 308 -9.46 -2.31 20.39
C VAL A 308 -8.75 -1.87 21.67
N SER A 309 -7.68 -2.57 22.01
CA SER A 309 -6.89 -2.26 23.20
C SER A 309 -6.20 -0.88 23.09
N PRO A 310 -5.73 -0.35 24.22
CA PRO A 310 -5.06 0.95 24.25
C PRO A 310 -3.87 1.06 23.29
N GLU A 311 -3.05 0.00 23.22
CA GLU A 311 -1.90 0.04 22.32
C GLU A 311 -2.36 0.11 20.89
N ALA A 312 -3.48 -0.55 20.59
CA ALA A 312 -4.02 -0.52 19.24
C ALA A 312 -4.40 0.91 18.91
N ILE A 313 -5.20 1.52 19.77
CA ILE A 313 -5.63 2.90 19.58
C ILE A 313 -4.45 3.87 19.47
N ASP A 314 -3.50 3.76 20.39
CA ASP A 314 -2.35 4.65 20.36
C ASP A 314 -1.59 4.50 19.05
N PHE A 315 -1.44 3.26 18.60
CA PHE A 315 -0.74 3.00 17.36
C PHE A 315 -1.52 3.54 16.15
N LEU A 316 -2.83 3.30 16.12
CA LEU A 316 -3.65 3.79 15.03
C LEU A 316 -3.61 5.31 14.98
N ASP A 317 -3.78 5.93 16.14
CA ASP A 317 -3.79 7.37 16.23
C ASP A 317 -2.52 8.02 15.69
N LYS A 318 -1.41 7.30 15.79
CA LYS A 318 -0.13 7.83 15.31
C LYS A 318 0.07 7.60 13.82
N LEU A 319 -0.86 6.89 13.19
CA LEU A 319 -0.77 6.67 11.75
C LEU A 319 -1.75 7.59 11.04
N LEU A 320 -2.99 7.63 11.53
CA LEU A 320 -3.99 8.47 10.91
C LEU A 320 -3.92 9.96 11.29
N ARG A 321 -2.87 10.61 10.82
CA ARG A 321 -2.67 12.04 11.07
C ARG A 321 -2.81 12.79 9.74
N TYR A 322 -3.54 13.91 9.76
CA TYR A 322 -3.73 14.73 8.57
C TYR A 322 -2.36 15.02 7.97
N ASP A 323 -1.51 15.62 8.79
CA ASP A 323 -0.16 15.96 8.36
C ASP A 323 0.67 14.71 8.16
N HIS A 324 1.04 14.45 6.91
CA HIS A 324 1.85 13.30 6.59
C HIS A 324 3.21 13.35 7.30
N GLN A 325 3.61 14.55 7.73
CA GLN A 325 4.89 14.68 8.39
C GLN A 325 4.86 14.21 9.82
N GLU A 326 3.66 14.18 10.41
CA GLU A 326 3.51 13.74 11.79
C GLU A 326 3.45 12.22 11.90
N ARG A 327 2.83 11.57 10.93
CA ARG A 327 2.68 10.12 10.91
C ARG A 327 3.96 9.35 11.18
N LEU A 328 3.82 8.25 11.92
CA LEU A 328 4.97 7.40 12.20
C LEU A 328 5.57 6.90 10.89
N THR A 329 6.86 6.59 10.95
CA THR A 329 7.56 6.04 9.81
C THR A 329 7.47 4.52 9.94
N ALA A 330 7.69 3.79 8.85
CA ALA A 330 7.61 2.34 8.90
C ALA A 330 8.55 1.79 9.98
N LEU A 331 9.75 2.33 10.04
CA LEU A 331 10.72 1.87 11.02
C LEU A 331 10.23 2.06 12.47
N GLU A 332 9.66 3.24 12.77
CA GLU A 332 9.14 3.52 14.11
C GLU A 332 7.93 2.69 14.48
N ALA A 333 7.02 2.48 13.53
CA ALA A 333 5.82 1.71 13.79
C ALA A 333 6.16 0.31 14.30
N MET A 334 7.12 -0.35 13.66
CA MET A 334 7.53 -1.70 14.03
C MET A 334 8.08 -1.79 15.44
N THR A 335 8.39 -0.65 16.04
CA THR A 335 8.92 -0.65 17.39
C THR A 335 7.88 -0.23 18.40
N HIS A 336 6.71 0.20 17.93
CA HIS A 336 5.65 0.61 18.83
C HIS A 336 5.33 -0.57 19.76
N PRO A 337 5.06 -0.28 21.04
CA PRO A 337 4.74 -1.33 22.03
C PRO A 337 3.64 -2.31 21.60
N TYR A 338 2.79 -1.90 20.66
CA TYR A 338 1.71 -2.74 20.15
C TYR A 338 2.21 -4.08 19.62
N PHE A 339 3.38 -4.06 18.99
CA PHE A 339 4.01 -5.24 18.42
C PHE A 339 5.02 -5.96 19.33
N GLN A 340 5.12 -5.55 20.58
CA GLN A 340 6.10 -6.18 21.45
C GLN A 340 6.10 -7.72 21.49
N GLN A 341 4.93 -8.35 21.56
CA GLN A 341 4.88 -9.81 21.60
C GLN A 341 5.35 -10.44 20.30
N VAL A 342 5.05 -9.78 19.19
CA VAL A 342 5.46 -10.26 17.88
C VAL A 342 6.98 -10.19 17.81
N ARG A 343 7.53 -9.09 18.29
CA ARG A 343 8.98 -8.91 18.27
C ARG A 343 9.64 -9.92 19.18
N ALA A 344 9.14 -10.02 20.40
CA ALA A 344 9.69 -10.97 21.37
C ALA A 344 9.64 -12.37 20.77
N ALA A 345 8.59 -12.64 20.01
CA ALA A 345 8.45 -13.92 19.37
C ALA A 345 9.62 -14.09 18.41
N GLU A 346 9.81 -13.10 17.55
CA GLU A 346 10.87 -13.12 16.55
C GLU A 346 12.25 -13.39 17.16
N ASN A 347 12.50 -12.82 18.33
CA ASN A 347 13.78 -13.00 19.00
C ASN A 347 13.82 -14.35 19.72
N SER A 348 13.65 -15.42 18.95
CA SER A 348 13.66 -16.75 19.53
C SER A 348 14.02 -17.76 18.44
N01 P63 B . -0.50 -14.57 -5.38
C02 P63 B . 0.62 -13.88 -5.72
C03 P63 B . 0.26 -12.73 -6.44
C04 P63 B . -1.19 -12.78 -6.52
N05 P63 B . -1.59 -13.90 -5.87
N06 P63 B . -2.13 -11.98 -7.07
C07 P63 B . -3.40 -12.33 -6.95
N08 P63 B . -3.80 -13.43 -6.32
C09 P63 B . -2.87 -14.22 -5.79
N10 P63 B . -3.14 -15.39 -5.19
C11 P63 B . -4.36 -16.00 -5.14
C12 P63 B . -4.37 -17.40 -5.05
C13 P63 B . -5.58 -18.02 -4.73
C14 P63 B . -6.75 -17.29 -4.55
C15 P63 B . -6.77 -15.91 -4.80
C16 P63 B . -5.56 -15.28 -5.10
N17 P63 B . -4.39 -11.55 -7.49
C18 P63 B . -4.32 -10.30 -8.02
C19 P63 B . -3.13 -9.63 -8.32
C20 P63 B . -3.10 -8.38 -8.94
C21 P63 B . -4.31 -7.80 -9.31
C22 P63 B . -5.51 -8.43 -9.00
C23 P63 B . -5.52 -9.67 -8.35
C25 P63 B . 1.14 -11.72 -6.94
N26 P63 B . 1.91 -10.95 -7.35
N27 P63 B . -1.98 -7.63 -9.00
C28 P63 B . -0.73 -7.97 -9.41
O29 P63 B . 0.15 -7.15 -9.53
C30 P63 B . -0.45 -9.43 -9.76
#